data_5IQX
#
_entry.id   5IQX
#
_cell.length_a   34.167
_cell.length_b   47.161
_cell.length_c   101.374
_cell.angle_alpha   90.000
_cell.angle_beta   90.000
_cell.angle_gamma   90.000
#
_symmetry.space_group_name_H-M   'P 21 21 21'
#
loop_
_entity.id
_entity.type
_entity.pdbx_description
1 polymer 'Heme acquisition protein HasAp'
2 non-polymer 'PROTOPORPHYRIN IX CONTAINING FE'
3 non-polymer D-MALATE
4 non-polymer 'SODIUM ION'
5 water water
#
_entity_poly.entity_id   1
_entity_poly.type   'polypeptide(L)'
_entity_poly.pdbx_seq_one_letter_code
;MSISISYSTTYSGWTVADYLADWSAYFGDVNHAPGQVVDGSNTGGFNPGPFDGSQYALKSTASDAAFIAGGDLHYTLFSN
PSHTLWGKLDSIALGDTLTGGASSGGYALDSQEVSFSNLGLDSPIAQGRDGTVHKVVYGLMSGDSSALQGQIDALLKAVD
PSLSINSTFDQLAAAGVAHATPAA
;
_entity_poly.pdbx_strand_id   A
#
# COMPACT_ATOMS: atom_id res chain seq x y z
N SER A 2 4.07 -9.88 14.05
CA SER A 2 4.92 -10.00 12.87
C SER A 2 4.11 -9.76 11.62
N ILE A 3 4.78 -9.28 10.57
CA ILE A 3 4.13 -9.10 9.28
C ILE A 3 3.47 -10.39 8.83
N SER A 4 2.30 -10.26 8.21
CA SER A 4 1.60 -11.38 7.59
CA SER A 4 1.61 -11.39 7.59
C SER A 4 1.27 -11.04 6.15
N ILE A 5 1.60 -11.93 5.24
CA ILE A 5 1.42 -11.69 3.82
C ILE A 5 0.41 -12.69 3.28
N SER A 6 -0.47 -12.20 2.42
CA SER A 6 -1.39 -13.05 1.66
CA SER A 6 -1.41 -13.03 1.66
C SER A 6 -1.09 -12.83 0.19
N TYR A 7 -0.98 -13.91 -0.58
CA TYR A 7 -0.64 -13.78 -1.98
C TYR A 7 -1.42 -14.78 -2.82
N SER A 8 -1.90 -14.32 -3.97
CA SER A 8 -2.45 -15.23 -4.96
C SER A 8 -1.36 -16.21 -5.41
N THR A 9 -1.77 -17.47 -5.60
CA THR A 9 -0.81 -18.49 -6.06
CA THR A 9 -0.79 -18.47 -6.04
C THR A 9 -0.15 -18.10 -7.38
N THR A 10 -0.78 -17.23 -8.16
CA THR A 10 -0.15 -16.74 -9.39
C THR A 10 1.25 -16.21 -9.13
N TYR A 11 1.50 -15.66 -7.94
CA TYR A 11 2.75 -14.99 -7.62
C TYR A 11 3.68 -15.83 -6.73
N SER A 12 3.38 -17.11 -6.56
CA SER A 12 4.13 -17.96 -5.66
CA SER A 12 4.14 -17.98 -5.66
C SER A 12 5.64 -17.91 -5.90
N GLY A 13 6.06 -17.89 -7.17
CA GLY A 13 7.47 -17.91 -7.51
C GLY A 13 8.14 -16.57 -7.69
N TRP A 14 7.41 -15.48 -7.50
CA TRP A 14 7.97 -14.14 -7.59
C TRP A 14 8.61 -13.74 -6.28
N THR A 15 9.68 -12.93 -6.36
CA THR A 15 10.14 -12.25 -5.16
C THR A 15 9.22 -11.08 -4.84
N VAL A 16 9.19 -10.70 -3.57
CA VAL A 16 8.38 -9.56 -3.16
C VAL A 16 8.82 -8.31 -3.91
N ALA A 17 10.14 -8.09 -3.99
CA ALA A 17 10.67 -6.91 -4.65
C ALA A 17 10.26 -6.87 -6.12
N ASP A 18 10.37 -8.01 -6.82
CA ASP A 18 10.00 -8.01 -8.24
C ASP A 18 8.52 -7.74 -8.41
N TYR A 19 7.69 -8.34 -7.54
CA TYR A 19 6.25 -8.12 -7.62
C TYR A 19 5.94 -6.64 -7.42
N LEU A 20 6.52 -6.04 -6.39
CA LEU A 20 6.20 -4.65 -6.07
C LEU A 20 6.72 -3.70 -7.13
N ALA A 21 7.92 -3.95 -7.65
CA ALA A 21 8.46 -3.10 -8.70
C ALA A 21 7.54 -3.14 -9.92
N ASP A 22 7.10 -4.33 -10.30
CA ASP A 22 6.24 -4.46 -11.46
C ASP A 22 4.86 -3.85 -11.20
N TRP A 23 4.28 -4.13 -10.04
CA TRP A 23 2.95 -3.62 -9.74
C TRP A 23 2.95 -2.10 -9.75
N SER A 24 3.94 -1.49 -9.10
CA SER A 24 3.93 -0.03 -8.98
CA SER A 24 3.93 -0.04 -8.98
C SER A 24 4.25 0.64 -10.31
N ALA A 25 5.12 0.04 -11.10
CA ALA A 25 5.40 0.62 -12.40
C ALA A 25 4.15 0.57 -13.26
N TYR A 26 3.39 -0.51 -13.15
CA TYR A 26 2.18 -0.64 -13.94
C TYR A 26 1.10 0.32 -13.47
N PHE A 27 0.88 0.42 -12.14
CA PHE A 27 -0.04 1.41 -11.56
C PHE A 27 0.32 2.81 -12.03
N GLY A 28 1.60 3.13 -11.99
N GLY A 28 1.60 3.14 -11.99
CA GLY A 28 2.11 4.39 -12.50
CA GLY A 28 2.08 4.39 -12.52
C GLY A 28 2.01 5.52 -11.50
C GLY A 28 1.69 5.60 -11.69
N ASP A 29 2.35 6.70 -11.99
CA ASP A 29 2.27 7.92 -11.19
C ASP A 29 0.95 8.62 -11.50
N VAL A 30 0.11 8.82 -10.49
CA VAL A 30 -1.16 9.52 -10.71
C VAL A 30 -1.01 11.03 -10.79
N ASN A 31 0.20 11.54 -10.55
CA ASN A 31 0.48 12.97 -10.68
CA ASN A 31 0.49 12.96 -10.67
C ASN A 31 -0.32 13.79 -9.66
N HIS A 32 -0.32 13.32 -8.42
CA HIS A 32 -0.97 14.01 -7.31
C HIS A 32 0.03 15.04 -6.78
N ALA A 33 0.03 16.21 -7.42
CA ALA A 33 1.08 17.19 -7.23
C ALA A 33 0.50 18.57 -7.49
N PRO A 34 1.20 19.63 -7.09
CA PRO A 34 0.66 20.98 -7.25
C PRO A 34 0.26 21.27 -8.69
N GLY A 35 -0.94 21.85 -8.84
CA GLY A 35 -1.50 22.17 -10.12
C GLY A 35 -2.14 21.01 -10.85
N GLN A 36 -2.06 19.79 -10.32
CA GLN A 36 -2.49 18.60 -11.04
CA GLN A 36 -2.48 18.59 -11.03
C GLN A 36 -3.48 17.75 -10.27
N VAL A 37 -3.96 18.19 -9.11
CA VAL A 37 -4.90 17.38 -8.34
C VAL A 37 -6.32 17.62 -8.86
N VAL A 38 -6.99 16.54 -9.24
CA VAL A 38 -8.33 16.58 -9.84
C VAL A 38 -9.23 15.66 -9.02
N ASP A 39 -10.22 16.24 -8.35
CA ASP A 39 -11.09 15.47 -7.46
C ASP A 39 -11.81 14.40 -8.26
N GLY A 40 -11.82 13.17 -7.74
CA GLY A 40 -12.45 12.08 -8.44
C GLY A 40 -11.61 11.47 -9.53
N SER A 41 -10.42 12.02 -9.81
CA SER A 41 -9.49 11.43 -10.75
C SER A 41 -8.23 10.91 -10.08
N ASN A 42 -7.54 11.74 -9.31
CA ASN A 42 -6.28 11.32 -8.71
C ASN A 42 -6.16 11.71 -7.25
N THR A 43 -7.28 11.90 -6.56
CA THR A 43 -7.26 12.13 -5.14
C THR A 43 -7.30 10.84 -4.33
N GLY A 44 -7.96 9.82 -4.85
CA GLY A 44 -8.34 8.69 -4.02
C GLY A 44 -9.44 9.11 -3.06
N GLY A 45 -9.70 8.25 -2.09
CA GLY A 45 -10.75 8.52 -1.12
C GLY A 45 -10.54 7.78 0.17
N PHE A 46 -11.17 8.30 1.21
CA PHE A 46 -11.14 7.75 2.55
C PHE A 46 -12.48 7.14 2.94
N ASN A 47 -12.40 6.10 3.77
CA ASN A 47 -13.57 5.50 4.38
C ASN A 47 -13.45 5.72 5.88
N PRO A 48 -14.34 6.50 6.54
CA PRO A 48 -15.52 7.14 5.95
C PRO A 48 -15.26 8.50 5.31
N GLY A 49 -14.08 9.08 5.53
CA GLY A 49 -13.74 10.35 4.95
C GLY A 49 -14.41 11.52 5.64
N PRO A 50 -14.24 12.73 5.09
CA PRO A 50 -13.59 12.98 3.79
C PRO A 50 -12.06 12.86 3.79
N PHE A 51 -11.40 13.12 4.93
CA PHE A 51 -9.94 13.20 4.98
C PHE A 51 -9.34 12.36 6.11
N ASP A 52 -10.11 11.46 6.69
CA ASP A 52 -9.68 10.58 7.76
C ASP A 52 -10.45 9.30 7.62
N GLY A 53 -9.88 8.21 8.11
CA GLY A 53 -10.64 6.98 8.23
C GLY A 53 -9.78 5.75 8.38
N SER A 54 -10.46 4.63 8.33
CA SER A 54 -9.83 3.32 8.48
C SER A 54 -9.23 2.81 7.18
N GLN A 55 -9.59 3.40 6.04
CA GLN A 55 -8.99 3.05 4.76
C GLN A 55 -8.81 4.29 3.92
N TYR A 56 -7.74 4.27 3.12
CA TYR A 56 -7.52 5.15 1.99
C TYR A 56 -7.33 4.26 0.77
N ALA A 57 -8.02 4.56 -0.33
CA ALA A 57 -7.90 3.75 -1.54
C ALA A 57 -7.76 4.64 -2.75
N LEU A 58 -7.03 4.13 -3.73
CA LEU A 58 -6.78 4.87 -4.97
C LEU A 58 -6.66 3.90 -6.14
N LYS A 59 -7.34 4.22 -7.23
CA LYS A 59 -7.21 3.56 -8.52
C LYS A 59 -6.28 4.36 -9.41
N SER A 60 -5.50 3.66 -10.21
CA SER A 60 -4.65 4.30 -11.20
C SER A 60 -5.48 5.17 -12.14
N THR A 61 -4.86 6.24 -12.62
CA THR A 61 -5.53 7.08 -13.60
C THR A 61 -5.52 6.49 -15.00
N ALA A 62 -4.79 5.43 -15.27
N ALA A 62 -4.79 5.37 -15.17
CA ALA A 62 -4.75 4.91 -16.63
CA ALA A 62 -4.38 4.80 -16.45
C ALA A 62 -5.22 3.47 -16.74
C ALA A 62 -4.72 3.32 -16.61
N SER A 63 -5.68 2.85 -15.66
N SER A 63 -4.39 2.46 -15.62
CA SER A 63 -6.13 1.47 -15.71
CA SER A 63 -4.86 1.07 -15.60
C SER A 63 -6.92 1.21 -14.43
C SER A 63 -5.95 0.93 -14.55
N ASP A 64 -7.44 -0.01 -14.31
N ASP A 64 -6.46 -0.29 -14.40
CA ASP A 64 -8.17 -0.35 -13.10
CA ASP A 64 -7.36 -0.55 -13.28
C ASP A 64 -7.28 -0.91 -11.97
C ASP A 64 -6.65 -1.10 -12.07
N ALA A 65 -5.96 -0.80 -12.08
N ALA A 65 -5.31 -1.04 -12.04
CA ALA A 65 -5.08 -1.17 -10.97
CA ALA A 65 -4.60 -1.29 -10.80
C ALA A 65 -5.38 -0.29 -9.74
C ALA A 65 -5.08 -0.32 -9.74
N ALA A 66 -5.19 -0.83 -8.53
CA ALA A 66 -5.63 -0.06 -7.36
C ALA A 66 -5.00 -0.63 -6.10
N PHE A 67 -4.92 0.21 -5.07
CA PHE A 67 -4.46 -0.23 -3.77
C PHE A 67 -5.37 0.31 -2.67
N ILE A 68 -5.32 -0.37 -1.52
CA ILE A 68 -6.04 0.03 -0.33
C ILE A 68 -5.08 0.01 0.85
N ALA A 69 -4.96 1.14 1.53
CA ALA A 69 -4.21 1.27 2.78
C ALA A 69 -5.20 1.20 3.93
N GLY A 70 -4.92 0.35 4.91
CA GLY A 70 -5.81 0.18 6.05
C GLY A 70 -5.12 0.50 7.35
N GLY A 71 -5.87 1.07 8.27
CA GLY A 71 -5.37 1.34 9.60
C GLY A 71 -6.22 2.37 10.29
N ASP A 72 -5.55 3.43 10.77
CA ASP A 72 -6.21 4.57 11.44
CA ASP A 72 -6.20 4.56 11.45
C ASP A 72 -5.50 5.79 10.87
N LEU A 73 -6.04 6.32 9.78
CA LEU A 73 -5.32 7.24 8.91
C LEU A 73 -5.92 8.63 8.97
N HIS A 74 -5.04 9.63 8.79
CA HIS A 74 -5.41 11.03 8.87
C HIS A 74 -4.64 11.79 7.81
N TYR A 75 -5.34 12.60 7.03
CA TYR A 75 -4.70 13.44 6.01
C TYR A 75 -4.91 14.90 6.38
N THR A 76 -3.82 15.64 6.51
CA THR A 76 -3.92 17.01 7.02
C THR A 76 -4.50 17.98 6.01
N LEU A 77 -4.42 17.69 4.71
CA LEU A 77 -4.88 18.61 3.67
C LEU A 77 -4.19 19.96 3.87
N PHE A 78 -4.94 21.01 4.21
CA PHE A 78 -4.33 22.35 4.30
C PHE A 78 -3.80 22.67 5.70
N SER A 79 -4.05 21.80 6.67
CA SER A 79 -3.63 22.02 8.05
C SER A 79 -2.15 21.72 8.21
N ASN A 80 -1.48 22.48 9.08
CA ASN A 80 -0.06 22.27 9.28
C ASN A 80 0.21 20.94 9.98
N PRO A 81 1.17 20.13 9.51
CA PRO A 81 1.99 20.26 8.31
C PRO A 81 1.18 19.83 7.09
N SER A 82 1.09 20.70 6.09
CA SER A 82 0.14 20.47 5.01
C SER A 82 0.47 19.23 4.21
N HIS A 83 -0.60 18.64 3.67
CA HIS A 83 -0.52 17.51 2.75
C HIS A 83 0.35 16.39 3.31
N THR A 84 0.02 15.99 4.53
CA THR A 84 0.65 14.88 5.22
C THR A 84 -0.38 13.80 5.51
N LEU A 85 -0.11 12.57 5.07
CA LEU A 85 -0.85 11.40 5.53
C LEU A 85 -0.07 10.82 6.70
N TRP A 86 -0.73 10.68 7.85
CA TRP A 86 -0.11 10.14 9.04
C TRP A 86 -1.10 9.22 9.74
N GLY A 87 -0.66 8.63 10.84
CA GLY A 87 -1.51 7.76 11.64
C GLY A 87 -0.91 6.38 11.76
N LYS A 88 -1.78 5.37 11.84
CA LYS A 88 -1.38 3.98 11.97
C LYS A 88 -1.67 3.29 10.65
N LEU A 89 -0.66 2.69 10.07
CA LEU A 89 -0.79 1.92 8.83
C LEU A 89 -0.59 0.45 9.18
N ASP A 90 -1.68 -0.30 9.11
CA ASP A 90 -1.67 -1.73 9.40
C ASP A 90 -1.51 -2.58 8.15
N SER A 91 -2.03 -2.15 7.01
CA SER A 91 -2.07 -3.02 5.85
C SER A 91 -2.02 -2.24 4.55
N ILE A 92 -1.48 -2.92 3.53
CA ILE A 92 -1.53 -2.49 2.14
C ILE A 92 -1.99 -3.68 1.33
N ALA A 93 -3.05 -3.49 0.55
CA ALA A 93 -3.56 -4.48 -0.37
C ALA A 93 -3.42 -3.97 -1.80
N LEU A 94 -2.90 -4.81 -2.67
CA LEU A 94 -2.61 -4.45 -4.05
C LEU A 94 -3.36 -5.39 -4.99
N GLY A 95 -3.87 -4.82 -6.07
CA GLY A 95 -4.50 -5.64 -7.09
C GLY A 95 -5.16 -4.76 -8.12
N ASP A 96 -6.36 -5.12 -8.53
CA ASP A 96 -7.09 -4.30 -9.47
C ASP A 96 -8.58 -4.39 -9.18
N THR A 97 -9.30 -3.48 -9.83
CA THR A 97 -10.75 -3.39 -9.79
C THR A 97 -11.25 -3.00 -8.39
N LEU A 98 -10.99 -1.75 -8.04
CA LEU A 98 -11.44 -1.19 -6.78
C LEU A 98 -12.96 -1.11 -6.76
N THR A 99 -13.55 -1.55 -5.65
CA THR A 99 -14.99 -1.48 -5.46
C THR A 99 -15.28 -0.87 -4.08
N GLY A 100 -16.53 -0.48 -3.91
CA GLY A 100 -16.94 0.11 -2.65
C GLY A 100 -16.53 1.57 -2.50
N GLY A 101 -16.35 1.95 -1.25
CA GLY A 101 -16.12 3.34 -0.87
C GLY A 101 -16.89 3.66 0.38
N ALA A 102 -16.82 4.92 0.81
CA ALA A 102 -17.49 5.30 2.04
C ALA A 102 -18.97 4.94 2.02
N SER A 103 -19.63 5.12 0.88
CA SER A 103 -21.08 4.89 0.82
C SER A 103 -21.44 3.42 0.91
N SER A 104 -20.47 2.52 0.72
CA SER A 104 -20.66 1.08 0.85
C SER A 104 -20.17 0.56 2.19
N GLY A 105 -19.56 1.42 3.02
CA GLY A 105 -18.98 0.98 4.27
C GLY A 105 -17.54 0.52 4.18
N GLY A 106 -16.91 0.64 3.02
CA GLY A 106 -15.53 0.24 2.89
C GLY A 106 -15.17 -0.04 1.45
N TYR A 107 -13.87 -0.19 1.22
CA TYR A 107 -13.30 -0.50 -0.07
C TYR A 107 -12.85 -1.97 -0.14
N ALA A 108 -12.85 -2.52 -1.35
CA ALA A 108 -12.29 -3.84 -1.58
C ALA A 108 -11.77 -3.89 -3.01
N LEU A 109 -10.94 -4.88 -3.29
CA LEU A 109 -10.44 -5.14 -4.64
C LEU A 109 -11.13 -6.39 -5.19
N ASP A 110 -11.72 -6.30 -6.39
CA ASP A 110 -12.30 -7.51 -6.96
C ASP A 110 -11.22 -8.53 -7.30
N SER A 111 -10.00 -8.08 -7.57
CA SER A 111 -8.85 -8.97 -7.70
C SER A 111 -7.80 -8.47 -6.72
N GLN A 112 -7.76 -9.06 -5.55
CA GLN A 112 -6.69 -8.76 -4.60
C GLN A 112 -5.56 -9.72 -4.88
N GLU A 113 -4.41 -9.20 -5.31
CA GLU A 113 -3.27 -10.03 -5.65
C GLU A 113 -2.42 -10.36 -4.44
N VAL A 114 -2.03 -9.33 -3.69
CA VAL A 114 -1.15 -9.47 -2.55
C VAL A 114 -1.57 -8.48 -1.49
N SER A 115 -1.51 -8.90 -0.22
CA SER A 115 -1.67 -7.96 0.88
C SER A 115 -0.57 -8.19 1.90
N PHE A 116 -0.18 -7.09 2.53
CA PHE A 116 0.79 -7.07 3.61
C PHE A 116 0.06 -6.50 4.81
N SER A 117 -0.05 -7.27 5.88
CA SER A 117 -0.83 -6.94 7.05
CA SER A 117 -0.79 -6.84 7.04
C SER A 117 0.05 -6.99 8.29
N ASN A 118 -0.50 -6.48 9.39
CA ASN A 118 0.23 -6.38 10.65
C ASN A 118 1.53 -5.61 10.47
N LEU A 119 1.46 -4.54 9.69
CA LEU A 119 2.66 -3.75 9.43
C LEU A 119 3.13 -2.99 10.66
N GLY A 120 2.22 -2.64 11.57
CA GLY A 120 2.59 -1.98 12.80
C GLY A 120 3.22 -0.62 12.64
N LEU A 121 3.00 0.05 11.51
CA LEU A 121 3.62 1.34 11.27
C LEU A 121 2.78 2.43 11.92
N ASP A 122 3.45 3.37 12.56
CA ASP A 122 2.75 4.54 13.06
C ASP A 122 3.64 5.76 12.91
N SER A 123 3.05 6.82 12.38
CA SER A 123 3.76 8.05 12.13
C SER A 123 3.02 9.19 12.81
N PRO A 124 3.66 9.95 13.67
CA PRO A 124 3.01 11.11 14.29
CA PRO A 124 3.01 11.12 14.29
C PRO A 124 2.87 12.25 13.30
N ILE A 125 1.87 13.12 13.57
CA ILE A 125 1.64 14.26 12.70
C ILE A 125 2.87 15.16 12.61
N ALA A 126 3.62 15.27 13.69
CA ALA A 126 4.73 16.23 13.71
C ALA A 126 5.83 15.91 12.70
N GLN A 127 5.97 14.64 12.30
CA GLN A 127 6.98 14.31 11.30
C GLN A 127 6.60 14.79 9.91
N GLY A 128 5.35 15.20 9.70
CA GLY A 128 4.97 15.71 8.40
C GLY A 128 5.23 14.69 7.32
N ARG A 129 5.65 15.21 6.17
CA ARG A 129 5.84 14.36 4.99
C ARG A 129 7.10 13.50 5.10
N ASP A 130 7.86 13.60 6.18
CA ASP A 130 8.97 12.69 6.46
CA ASP A 130 8.95 12.68 6.37
C ASP A 130 8.49 11.37 7.01
N GLY A 131 7.27 11.31 7.53
CA GLY A 131 6.82 10.11 8.22
C GLY A 131 6.76 8.91 7.29
N THR A 132 6.96 7.74 7.87
CA THR A 132 6.94 6.49 7.12
CA THR A 132 6.96 6.53 7.07
C THR A 132 5.60 6.26 6.45
N VAL A 133 4.49 6.53 7.16
CA VAL A 133 3.18 6.29 6.57
C VAL A 133 3.01 7.13 5.31
N HIS A 134 3.38 8.41 5.40
CA HIS A 134 3.28 9.29 4.24
C HIS A 134 4.15 8.78 3.11
N LYS A 135 5.41 8.46 3.41
CA LYS A 135 6.32 8.02 2.36
C LYS A 135 5.82 6.75 1.68
N VAL A 136 5.31 5.79 2.45
CA VAL A 136 4.81 4.56 1.86
C VAL A 136 3.67 4.84 0.90
N VAL A 137 2.66 5.57 1.36
CA VAL A 137 1.45 5.73 0.57
C VAL A 137 1.66 6.73 -0.56
N TYR A 138 2.30 7.87 -0.28
CA TYR A 138 2.56 8.82 -1.36
C TYR A 138 3.48 8.20 -2.40
N GLY A 139 4.41 7.34 -1.97
CA GLY A 139 5.21 6.58 -2.92
C GLY A 139 4.34 5.77 -3.87
N LEU A 140 3.41 4.99 -3.31
CA LEU A 140 2.51 4.20 -4.16
C LEU A 140 1.69 5.10 -5.09
N MET A 141 1.18 6.22 -4.58
CA MET A 141 0.42 7.14 -5.43
C MET A 141 1.24 7.61 -6.60
N SER A 142 2.55 7.69 -6.41
CA SER A 142 3.49 8.20 -7.37
C SER A 142 4.18 7.10 -8.19
N GLY A 143 3.69 5.87 -8.12
CA GLY A 143 4.24 4.77 -8.89
C GLY A 143 5.57 4.26 -8.39
N ASP A 144 5.85 4.43 -7.09
CA ASP A 144 7.17 4.15 -6.51
C ASP A 144 6.97 3.36 -5.22
N SER A 145 7.22 2.07 -5.28
CA SER A 145 7.10 1.19 -4.11
C SER A 145 8.35 1.13 -3.25
N SER A 146 9.34 1.99 -3.47
CA SER A 146 10.60 1.90 -2.71
CA SER A 146 10.58 1.86 -2.71
C SER A 146 10.35 1.98 -1.20
N ALA A 147 9.54 2.94 -0.77
CA ALA A 147 9.33 3.10 0.67
C ALA A 147 8.63 1.88 1.25
N LEU A 148 7.59 1.38 0.56
CA LEU A 148 6.93 0.15 1.00
C LEU A 148 7.93 -1.00 1.07
N GLN A 149 8.74 -1.18 0.02
CA GLN A 149 9.74 -2.25 0.01
C GLN A 149 10.65 -2.18 1.22
N GLY A 150 11.11 -0.98 1.57
CA GLY A 150 12.02 -0.84 2.68
C GLY A 150 11.38 -1.23 4.00
N GLN A 151 10.10 -0.89 4.18
CA GLN A 151 9.41 -1.25 5.41
C GLN A 151 9.16 -2.74 5.48
N ILE A 152 8.75 -3.36 4.38
CA ILE A 152 8.56 -4.80 4.35
CA ILE A 152 8.55 -4.80 4.36
C ILE A 152 9.87 -5.50 4.64
N ASP A 153 10.96 -5.02 4.05
CA ASP A 153 12.26 -5.67 4.24
C ASP A 153 12.63 -5.66 5.71
N ALA A 154 12.43 -4.55 6.40
CA ALA A 154 12.77 -4.48 7.81
C ALA A 154 11.90 -5.42 8.64
N LEU A 155 10.60 -5.50 8.32
CA LEU A 155 9.71 -6.40 9.05
C LEU A 155 10.08 -7.85 8.83
N LEU A 156 10.50 -8.22 7.62
CA LEU A 156 10.92 -9.59 7.35
C LEU A 156 12.21 -9.93 8.09
N LYS A 157 13.19 -9.01 8.06
CA LYS A 157 14.43 -9.27 8.80
CA LYS A 157 14.43 -9.24 8.80
C LYS A 157 14.16 -9.45 10.28
N ALA A 158 13.18 -8.73 10.82
CA ALA A 158 12.85 -8.86 12.24
C ALA A 158 12.35 -10.25 12.57
N VAL A 159 11.71 -10.92 11.61
CA VAL A 159 11.35 -12.32 11.79
C VAL A 159 12.60 -13.18 11.74
N ASP A 160 13.39 -13.05 10.67
CA ASP A 160 14.67 -13.75 10.59
C ASP A 160 15.51 -13.05 9.54
N PRO A 161 16.81 -12.82 9.78
CA PRO A 161 17.60 -12.05 8.79
C PRO A 161 17.82 -12.76 7.48
N SER A 162 17.50 -14.05 7.36
CA SER A 162 17.51 -14.73 6.07
C SER A 162 16.33 -14.36 5.21
N LEU A 163 15.32 -13.71 5.76
CA LEU A 163 14.11 -13.37 5.02
C LEU A 163 14.20 -11.91 4.58
N SER A 164 13.75 -11.64 3.37
CA SER A 164 13.86 -10.29 2.82
C SER A 164 12.88 -10.17 1.66
N ILE A 165 12.84 -8.96 1.10
CA ILE A 165 12.06 -8.75 -0.11
C ILE A 165 12.61 -9.52 -1.30
N ASN A 166 13.81 -10.09 -1.18
CA ASN A 166 14.37 -10.95 -2.21
C ASN A 166 13.96 -12.41 -2.07
N SER A 167 13.22 -12.73 -1.02
CA SER A 167 12.58 -14.03 -0.90
C SER A 167 11.37 -14.09 -1.82
N THR A 168 11.08 -15.30 -2.31
CA THR A 168 9.83 -15.50 -3.02
C THR A 168 8.67 -15.63 -2.03
N PHE A 169 7.46 -15.41 -2.52
CA PHE A 169 6.29 -15.64 -1.69
C PHE A 169 6.26 -17.05 -1.15
N ASP A 170 6.60 -18.05 -1.98
CA ASP A 170 6.62 -19.41 -1.47
C ASP A 170 7.68 -19.60 -0.37
N GLN A 171 8.85 -18.97 -0.50
CA GLN A 171 9.83 -19.05 0.58
C GLN A 171 9.28 -18.43 1.86
N LEU A 172 8.58 -17.32 1.73
CA LEU A 172 8.01 -16.67 2.91
C LEU A 172 6.90 -17.52 3.53
N ALA A 173 6.13 -18.26 2.71
CA ALA A 173 5.15 -19.18 3.26
C ALA A 173 5.84 -20.28 4.06
N ALA A 174 6.91 -20.84 3.51
CA ALA A 174 7.64 -21.89 4.23
C ALA A 174 8.20 -21.36 5.53
N ALA A 175 8.53 -20.08 5.57
CA ALA A 175 9.10 -19.44 6.75
C ALA A 175 8.05 -18.98 7.76
N GLY A 176 6.77 -19.17 7.46
CA GLY A 176 5.73 -18.89 8.41
C GLY A 176 5.15 -17.49 8.38
N VAL A 177 5.43 -16.70 7.34
CA VAL A 177 4.92 -15.33 7.32
CA VAL A 177 5.05 -15.30 7.22
C VAL A 177 3.97 -15.06 6.16
N ALA A 178 3.65 -16.04 5.34
CA ALA A 178 2.78 -15.80 4.20
C ALA A 178 1.87 -16.99 3.98
N HIS A 179 0.71 -16.72 3.40
CA HIS A 179 -0.25 -17.75 3.01
C HIS A 179 -0.82 -17.43 1.64
N ALA A 180 -1.06 -18.47 0.88
CA ALA A 180 -1.56 -18.33 -0.48
C ALA A 180 -3.09 -18.27 -0.51
N THR A 181 -3.59 -17.55 -1.50
CA THR A 181 -4.99 -17.49 -1.83
C THR A 181 -5.18 -18.00 -3.26
N PRO A 182 -6.41 -18.36 -3.64
CA PRO A 182 -6.66 -18.76 -5.03
C PRO A 182 -6.40 -17.62 -6.00
N ALA A 183 -6.03 -17.98 -7.23
CA ALA A 183 -5.80 -17.02 -8.29
C ALA A 183 -7.13 -16.53 -8.89
#